data_2KOW
#
_entry.id   2KOW
#
_entity_poly.entity_id   1
_entity_poly.type   'polydeoxyribonucleotide'
_entity_poly.pdbx_seq_one_letter_code
;(DT)(DA)(DG)(DG)(DG)(DT)(DA)(DG)(DG)(DG)(DT)(DA)(DG)(DG)(DG)(DT)(DA)(DI)(DG)(DG)
;
_entity_poly.pdbx_strand_id   A
#
loop_
_chem_comp.id
_chem_comp.type
_chem_comp.name
_chem_comp.formula
DA DNA linking 2'-DEOXYADENOSINE-5'-MONOPHOSPHATE 'C10 H14 N5 O6 P'
DG DNA linking 2'-DEOXYGUANOSINE-5'-MONOPHOSPHATE 'C10 H14 N5 O7 P'
DI DNA linking 2'-DEOXYINOSINE-5'-MONOPHOSPHATE 'C10 H13 N4 O7 P'
DT DNA linking THYMIDINE-5'-MONOPHOSPHATE 'C10 H15 N2 O8 P'
#